data_6EET
#
_entry.id   6EET
#
_cell.length_a   129.507
_cell.length_b   170.059
_cell.length_c   91.528
_cell.angle_alpha   90.00
_cell.angle_beta   90.00
_cell.angle_gamma   90.00
#
_symmetry.space_group_name_H-M   'C 2 2 21'
#
loop_
_entity.id
_entity.type
_entity.pdbx_description
1 polymer Protocadherin-15
2 branched 2-acetamido-2-deoxy-beta-D-glucopyranose-(1-4)-2-acetamido-2-deoxy-beta-D-glucopyranose
3 non-polymer alpha-D-mannopyranose
4 non-polymer '4-(2-HYDROXYETHYL)-1-PIPERAZINE ETHANESULFONIC ACID'
5 non-polymer 'CALCIUM ION'
#
_entity_poly.entity_id   1
_entity_poly.type   'polypeptide(L)'
_entity_poly.pdbx_seq_one_letter_code
;MNDYPPVFSKRIYKGMVAPDAVKGTPITTVYAEDADPPGMPASRVRYRVDDVQFPYPASIFDVEEDSGRVVTRVNLNEEP
TTIFKLVVVAFDDGEPVMSSSATVRILVLHPGEIPRFTQEEYRPPPVSELAARGTVVGVISAAAINQSIVYSIVAGNEED
KFGINNVTGVIYVNSPLDYETRTSYVLRVQADSLEVVLANLRVPSKSNTAKVYIEIQDENDHPPVFQKKFYIGGVSEDAR
MFASVLRVKATDRDTGNYSAMAYRLIIPPIKEGKEGFVVETYTGLIKTAMLFHNMRRSYFKFQVIATDDYGKGLSGKADV
LVSVVNQLDMQVIVSNVPPTLVEKKIEDLTEILDRYVQEQIPGAKVVVESIGARRHGDAYSLEDYSKCDLTVYAIDPQTN
RAIDRNELFKFLDGKLLDINKDFQPYYGEGGRILEIRTPEAVTSIKKRGESLGYTEKVPRARDPPVGGHHHHHH
;
_entity_poly.pdbx_strand_id   A
#
loop_
_chem_comp.id
_chem_comp.type
_chem_comp.name
_chem_comp.formula
CA non-polymer 'CALCIUM ION' 'Ca 2'
EPE non-polymer '4-(2-HYDROXYETHYL)-1-PIPERAZINE ETHANESULFONIC ACID' 'C8 H18 N2 O4 S'
MAN D-saccharide, alpha linking alpha-D-mannopyranose 'C6 H12 O6'
NAG D-saccharide, beta linking 2-acetamido-2-deoxy-beta-D-glucopyranose 'C8 H15 N O6'
#
# COMPACT_ATOMS: atom_id res chain seq x y z
N ASN A 2 -49.66 17.59 -19.21
CA ASN A 2 -49.34 17.89 -17.74
C ASN A 2 -50.55 18.53 -17.05
N ASP A 3 -50.94 17.99 -15.88
CA ASP A 3 -52.16 18.46 -15.20
C ASP A 3 -52.27 18.08 -13.71
N TYR A 4 -51.20 17.57 -13.07
CA TYR A 4 -51.08 17.62 -11.59
C TYR A 4 -49.98 18.60 -11.21
N PRO A 5 -50.14 19.40 -10.12
CA PRO A 5 -49.02 20.09 -9.50
C PRO A 5 -48.24 19.19 -8.54
N PRO A 6 -46.98 19.56 -8.24
CA PRO A 6 -46.25 19.06 -7.09
C PRO A 6 -46.89 19.50 -5.76
N VAL A 7 -46.84 18.60 -4.78
CA VAL A 7 -47.57 18.70 -3.56
C VAL A 7 -46.60 18.33 -2.43
N PHE A 8 -46.23 19.32 -1.61
CA PHE A 8 -45.32 19.10 -0.49
C PHE A 8 -45.91 18.10 0.51
N SER A 9 -45.01 17.37 1.19
CA SER A 9 -45.32 16.30 2.09
C SER A 9 -46.00 16.86 3.35
N LYS A 10 -45.52 18.01 3.83
CA LYS A 10 -46.15 18.80 4.88
C LYS A 10 -46.40 20.20 4.33
N ARG A 11 -47.38 20.92 4.86
CA ARG A 11 -47.57 22.31 4.44
C ARG A 11 -46.56 23.20 5.18
N ILE A 12 -46.37 22.90 6.47
CA ILE A 12 -45.43 23.61 7.31
C ILE A 12 -44.38 22.64 7.86
N TYR A 13 -43.12 23.04 7.72
CA TYR A 13 -41.98 22.25 8.10
C TYR A 13 -41.22 22.91 9.25
N LYS A 14 -40.74 22.07 10.16
CA LYS A 14 -40.02 22.44 11.36
C LYS A 14 -38.51 22.36 11.04
N GLY A 15 -37.74 23.30 11.60
CA GLY A 15 -36.29 23.44 11.36
C GLY A 15 -35.62 24.27 12.44
N MET A 16 -34.32 24.07 12.62
CA MET A 16 -33.55 24.80 13.63
C MET A 16 -32.17 25.11 13.05
N VAL A 17 -31.58 26.22 13.51
CA VAL A 17 -30.32 26.70 12.97
C VAL A 17 -29.59 27.46 14.10
N ALA A 18 -28.27 27.28 14.16
CA ALA A 18 -27.43 27.97 15.14
C ALA A 18 -27.31 29.43 14.71
N PRO A 19 -27.13 30.38 15.67
CA PRO A 19 -27.16 31.80 15.34
C PRO A 19 -25.94 32.26 14.52
N ASP A 20 -24.89 31.43 14.51
CA ASP A 20 -23.57 31.68 13.84
C ASP A 20 -23.37 30.80 12.60
N ALA A 21 -24.28 29.84 12.36
CA ALA A 21 -24.08 28.75 11.42
C ALA A 21 -23.36 29.20 10.14
N VAL A 22 -22.37 28.39 9.77
CA VAL A 22 -21.63 28.50 8.53
C VAL A 22 -22.62 28.40 7.35
N LYS A 23 -22.27 29.08 6.24
CA LYS A 23 -22.94 28.92 4.93
C LYS A 23 -22.93 27.46 4.48
N GLY A 24 -24.10 26.93 4.13
CA GLY A 24 -24.27 25.56 3.64
C GLY A 24 -24.65 24.59 4.75
N THR A 25 -24.79 25.09 5.99
CA THR A 25 -25.27 24.28 7.12
C THR A 25 -26.67 23.77 6.80
N PRO A 26 -26.94 22.44 6.85
CA PRO A 26 -28.27 21.91 6.56
C PRO A 26 -29.25 22.17 7.73
N ILE A 27 -30.46 22.65 7.39
CA ILE A 27 -31.52 22.95 8.35
C ILE A 27 -32.59 21.86 8.31
N THR A 28 -33.07 21.52 7.10
CA THR A 28 -34.03 20.41 6.92
C THR A 28 -34.19 20.11 5.42
N THR A 29 -34.99 19.08 5.12
CA THR A 29 -35.27 18.68 3.74
C THR A 29 -36.78 18.77 3.51
N VAL A 30 -37.18 19.32 2.37
CA VAL A 30 -38.59 19.33 1.95
C VAL A 30 -38.75 18.33 0.81
N TYR A 31 -40.01 17.95 0.55
CA TYR A 31 -40.29 16.89 -0.40
C TYR A 31 -41.68 17.07 -0.99
N ALA A 32 -41.82 16.84 -2.31
CA ALA A 32 -43.05 17.03 -3.05
C ALA A 32 -43.18 15.98 -4.15
N GLU A 33 -44.42 15.58 -4.45
CA GLU A 33 -44.70 14.57 -5.44
C GLU A 33 -45.67 15.11 -6.48
N ASP A 34 -45.58 14.53 -7.69
CA ASP A 34 -46.35 14.92 -8.86
C ASP A 34 -46.97 13.67 -9.47
N ALA A 35 -48.31 13.61 -9.47
CA ALA A 35 -49.04 12.40 -9.88
C ALA A 35 -49.02 12.21 -11.41
N ASP A 36 -48.41 13.15 -12.16
CA ASP A 36 -48.17 12.99 -13.60
C ASP A 36 -47.22 11.81 -13.83
N PRO A 37 -47.18 11.26 -15.06
CA PRO A 37 -46.56 9.94 -15.29
C PRO A 37 -45.05 9.98 -15.04
N PRO A 38 -44.49 8.94 -14.38
CA PRO A 38 -43.11 8.98 -13.91
C PRO A 38 -42.07 8.95 -15.04
N GLY A 39 -40.91 9.55 -14.78
CA GLY A 39 -39.85 9.66 -15.78
C GLY A 39 -40.25 10.63 -16.88
N MET A 40 -40.63 11.85 -16.49
CA MET A 40 -41.22 12.76 -17.41
C MET A 40 -41.09 14.17 -16.86
N PRO A 41 -40.94 15.18 -17.74
CA PRO A 41 -40.81 16.57 -17.31
C PRO A 41 -42.04 17.08 -16.54
N ALA A 42 -43.17 16.40 -16.71
CA ALA A 42 -44.40 16.72 -16.01
C ALA A 42 -44.36 16.15 -14.58
N SER A 43 -43.53 15.13 -14.33
CA SER A 43 -43.38 14.51 -12.99
C SER A 43 -42.01 14.85 -12.38
N ARG A 44 -41.38 15.93 -12.88
CA ARG A 44 -40.04 16.32 -12.51
C ARG A 44 -40.13 17.51 -11.56
N VAL A 45 -39.76 17.26 -10.29
CA VAL A 45 -39.96 18.18 -9.21
C VAL A 45 -38.65 18.90 -8.91
N ARG A 46 -38.70 20.24 -8.97
CA ARG A 46 -37.58 21.10 -8.60
C ARG A 46 -38.06 22.07 -7.51
N TYR A 47 -37.11 22.57 -6.72
CA TYR A 47 -37.42 23.43 -5.56
C TYR A 47 -36.73 24.78 -5.72
N ARG A 48 -37.49 25.87 -5.54
CA ARG A 48 -36.90 27.21 -5.40
C ARG A 48 -37.25 27.77 -4.02
N VAL A 49 -36.89 29.01 -3.72
CA VAL A 49 -37.46 29.70 -2.55
C VAL A 49 -38.43 30.76 -3.08
N ASP A 50 -39.02 31.54 -2.17
CA ASP A 50 -39.92 32.62 -2.55
C ASP A 50 -39.78 33.78 -1.57
N ASP A 51 -39.71 34.98 -2.17
CA ASP A 51 -39.35 36.27 -1.54
C ASP A 51 -40.62 37.13 -1.33
N VAL A 52 -41.71 36.73 -2.00
CA VAL A 52 -42.94 37.51 -2.10
C VAL A 52 -43.51 37.73 -0.69
N GLN A 53 -43.92 36.64 -0.02
CA GLN A 53 -44.61 36.75 1.26
C GLN A 53 -43.60 37.16 2.35
N PHE A 54 -42.45 36.49 2.41
CA PHE A 54 -41.42 36.78 3.40
C PHE A 54 -40.06 36.84 2.71
N PRO A 55 -39.51 38.07 2.50
CA PRO A 55 -38.27 38.24 1.74
C PRO A 55 -36.98 38.00 2.56
N TYR A 56 -36.91 38.47 3.81
CA TYR A 56 -35.63 38.41 4.56
C TYR A 56 -35.22 36.94 4.69
N PRO A 57 -36.06 36.06 5.30
CA PRO A 57 -35.75 34.63 5.33
C PRO A 57 -35.07 34.10 4.05
N ALA A 58 -35.56 34.52 2.89
CA ALA A 58 -35.15 33.91 1.61
C ALA A 58 -33.80 34.45 1.13
N SER A 59 -33.34 35.58 1.70
CA SER A 59 -32.01 36.13 1.38
C SER A 59 -30.91 35.26 2.02
N ILE A 60 -31.14 34.87 3.29
CA ILE A 60 -30.15 34.21 4.13
C ILE A 60 -30.24 32.68 4.00
N PHE A 61 -31.36 32.14 3.47
CA PHE A 61 -31.56 30.66 3.33
C PHE A 61 -31.76 30.27 1.86
N ASP A 62 -31.51 28.99 1.54
CA ASP A 62 -31.74 28.46 0.19
C ASP A 62 -32.17 26.99 0.25
N VAL A 63 -32.67 26.47 -0.87
CA VAL A 63 -33.05 25.07 -1.01
C VAL A 63 -32.36 24.46 -2.25
N GLU A 64 -31.59 23.40 -2.03
CA GLU A 64 -30.92 22.65 -3.09
C GLU A 64 -31.98 22.19 -4.10
N GLU A 65 -31.87 22.74 -5.30
CA GLU A 65 -32.90 22.71 -6.35
C GLU A 65 -33.48 21.31 -6.61
N ASP A 66 -32.64 20.26 -6.55
CA ASP A 66 -33.03 18.87 -6.90
C ASP A 66 -33.30 18.02 -5.65
N SER A 67 -32.51 18.20 -4.58
CA SER A 67 -32.54 17.37 -3.37
C SER A 67 -33.60 17.86 -2.38
N GLY A 68 -33.84 19.17 -2.37
CA GLY A 68 -34.80 19.78 -1.47
C GLY A 68 -34.23 19.96 -0.07
N ARG A 69 -32.91 19.85 0.06
CA ARG A 69 -32.23 20.16 1.32
C ARG A 69 -32.23 21.68 1.48
N VAL A 70 -32.69 22.15 2.65
CA VAL A 70 -32.69 23.56 2.98
C VAL A 70 -31.39 23.85 3.73
N VAL A 71 -30.68 24.90 3.29
CA VAL A 71 -29.37 25.24 3.80
C VAL A 71 -29.30 26.75 4.03
N THR A 72 -28.33 27.16 4.86
CA THR A 72 -27.96 28.56 5.00
C THR A 72 -27.24 28.98 3.71
N ARG A 73 -27.61 30.15 3.20
CA ARG A 73 -27.04 30.73 1.97
C ARG A 73 -25.73 31.46 2.31
N VAL A 74 -25.55 31.79 3.59
CA VAL A 74 -24.50 32.67 4.07
C VAL A 74 -24.08 32.26 5.49
N ASN A 75 -22.84 32.59 5.85
CA ASN A 75 -22.50 32.73 7.26
C ASN A 75 -23.47 33.77 7.81
N LEU A 76 -24.26 33.39 8.81
CA LEU A 76 -25.28 34.30 9.29
C LEU A 76 -24.94 34.70 10.73
N ASN A 77 -25.55 35.81 11.19
CA ASN A 77 -25.47 36.26 12.59
C ASN A 77 -26.86 36.75 13.03
N GLU A 78 -27.60 35.91 13.79
CA GLU A 78 -29.01 36.21 14.13
C GLU A 78 -29.27 36.00 15.63
N GLU A 79 -30.29 36.70 16.15
CA GLU A 79 -30.61 36.67 17.57
C GLU A 79 -31.36 35.39 17.90
N PRO A 80 -31.01 34.71 18.99
CA PRO A 80 -31.83 33.63 19.53
C PRO A 80 -33.34 33.94 19.62
N THR A 81 -34.14 32.87 19.63
CA THR A 81 -35.62 32.78 19.70
C THR A 81 -36.30 33.58 18.57
N THR A 82 -35.54 34.01 17.56
CA THR A 82 -36.07 34.45 16.28
C THR A 82 -36.72 33.25 15.57
N ILE A 83 -37.70 33.52 14.70
CA ILE A 83 -38.37 32.49 13.90
C ILE A 83 -38.52 33.01 12.47
N PHE A 84 -37.71 32.48 11.55
CA PHE A 84 -37.89 32.80 10.15
C PHE A 84 -39.00 31.92 9.57
N LYS A 85 -39.72 32.48 8.60
CA LYS A 85 -40.73 31.79 7.83
C LYS A 85 -40.26 31.72 6.38
N LEU A 86 -39.55 30.65 6.01
CA LEU A 86 -39.01 30.50 4.65
C LEU A 86 -40.03 29.76 3.78
N VAL A 87 -40.51 30.43 2.73
CA VAL A 87 -41.47 29.83 1.82
C VAL A 87 -40.70 29.24 0.65
N VAL A 88 -40.80 27.92 0.51
CA VAL A 88 -40.22 27.20 -0.61
C VAL A 88 -41.35 26.85 -1.59
N VAL A 89 -41.02 26.92 -2.88
CA VAL A 89 -41.94 26.59 -3.94
C VAL A 89 -41.38 25.37 -4.67
N ALA A 90 -42.26 24.39 -4.93
CA ALA A 90 -41.89 23.21 -5.70
C ALA A 90 -42.61 23.25 -7.06
N PHE A 91 -41.85 23.10 -8.15
CA PHE A 91 -42.41 23.33 -9.48
C PHE A 91 -42.09 22.19 -10.46
N ASP A 92 -43.03 22.09 -11.42
CA ASP A 92 -43.05 21.17 -12.53
C ASP A 92 -41.87 21.39 -13.48
N ASP A 93 -41.90 20.60 -14.56
CA ASP A 93 -41.23 20.98 -15.77
C ASP A 93 -42.07 20.50 -16.95
N GLY A 94 -43.38 20.66 -16.84
CA GLY A 94 -44.32 20.35 -17.91
C GLY A 94 -44.91 21.62 -18.47
N GLU A 95 -45.73 21.46 -19.52
CA GLU A 95 -46.38 22.58 -20.23
C GLU A 95 -47.88 22.56 -19.92
N PRO A 96 -48.42 23.68 -19.37
CA PRO A 96 -47.65 24.74 -18.76
C PRO A 96 -47.12 24.28 -17.39
N VAL A 97 -46.26 25.09 -16.79
CA VAL A 97 -45.70 24.77 -15.51
C VAL A 97 -46.76 25.04 -14.42
N MET A 98 -46.87 24.08 -13.50
CA MET A 98 -47.64 24.20 -12.27
C MET A 98 -46.70 24.01 -11.08
N SER A 99 -47.09 24.60 -9.95
CA SER A 99 -46.26 24.69 -8.75
C SER A 99 -47.12 24.57 -7.48
N SER A 100 -46.47 24.71 -6.31
CA SER A 100 -47.09 24.72 -4.98
C SER A 100 -46.09 25.33 -3.98
N SER A 101 -46.59 26.10 -3.01
CA SER A 101 -45.71 26.67 -1.99
C SER A 101 -45.80 25.80 -0.74
N ALA A 102 -44.86 26.03 0.19
CA ALA A 102 -44.94 25.53 1.57
C ALA A 102 -43.96 26.32 2.44
N THR A 103 -44.22 26.36 3.75
CA THR A 103 -43.47 27.18 4.68
C THR A 103 -42.57 26.31 5.57
N VAL A 104 -41.42 26.87 5.96
CA VAL A 104 -40.50 26.25 6.92
C VAL A 104 -40.29 27.24 8.07
N ARG A 105 -40.87 26.93 9.23
CA ARG A 105 -40.67 27.70 10.44
C ARG A 105 -39.28 27.34 10.97
N ILE A 106 -38.30 28.23 10.76
CA ILE A 106 -36.88 28.04 11.12
C ILE A 106 -36.55 28.86 12.39
N LEU A 107 -36.34 28.16 13.51
CA LEU A 107 -36.09 28.76 14.83
C LEU A 107 -34.57 28.82 15.04
N VAL A 108 -34.11 29.95 15.59
CA VAL A 108 -32.71 30.19 15.95
C VAL A 108 -32.49 29.80 17.41
N LEU A 109 -31.38 29.10 17.70
CA LEU A 109 -31.09 28.66 19.07
C LEU A 109 -30.15 29.66 19.79
N HIS A 110 -30.40 29.82 21.10
CA HIS A 110 -29.40 30.30 22.01
C HIS A 110 -28.32 29.23 22.04
N PRO A 111 -27.02 29.59 21.89
CA PRO A 111 -25.91 28.64 22.02
C PRO A 111 -25.93 27.57 23.13
N GLY A 112 -26.61 27.82 24.25
CA GLY A 112 -26.64 26.87 25.39
C GLY A 112 -27.57 25.68 25.21
N GLU A 113 -28.37 25.67 24.13
CA GLU A 113 -29.28 24.58 23.78
C GLU A 113 -28.58 23.59 22.85
N ILE A 114 -27.54 24.07 22.15
CA ILE A 114 -26.69 23.27 21.25
C ILE A 114 -25.51 22.74 22.05
N PRO A 115 -25.35 21.40 22.18
CA PRO A 115 -24.22 20.84 22.94
C PRO A 115 -22.83 21.31 22.47
N ARG A 116 -21.89 21.51 23.41
CA ARG A 116 -20.49 21.81 23.05
C ARG A 116 -19.59 20.67 23.53
N PHE A 117 -18.88 20.06 22.57
CA PHE A 117 -17.86 19.04 22.82
C PHE A 117 -16.71 19.62 23.65
N THR A 118 -16.16 18.81 24.56
CA THR A 118 -15.08 19.24 25.44
C THR A 118 -13.88 19.71 24.61
N GLN A 119 -13.70 19.15 23.41
CA GLN A 119 -12.71 19.67 22.45
C GLN A 119 -13.16 19.43 21.01
N GLU A 120 -12.56 20.25 20.12
CA GLU A 120 -12.93 20.41 18.69
C GLU A 120 -12.38 19.22 17.89
N GLU A 121 -11.22 18.72 18.33
CA GLU A 121 -10.52 17.60 17.70
C GLU A 121 -9.96 16.68 18.79
N TYR A 122 -10.40 15.42 18.76
CA TYR A 122 -9.93 14.37 19.65
C TYR A 122 -8.79 13.61 18.95
N ARG A 123 -7.62 13.55 19.61
CA ARG A 123 -6.43 12.89 19.06
C ARG A 123 -5.98 11.79 20.02
N PRO A 124 -6.78 10.71 20.17
CA PRO A 124 -6.47 9.68 21.16
C PRO A 124 -5.14 9.03 20.84
N PRO A 125 -4.55 8.27 21.79
CA PRO A 125 -3.33 7.51 21.53
C PRO A 125 -3.56 6.47 20.45
N PRO A 126 -2.49 5.87 19.88
CA PRO A 126 -2.65 5.01 18.71
C PRO A 126 -3.21 3.66 19.16
N VAL A 127 -3.64 2.85 18.20
CA VAL A 127 -4.42 1.63 18.42
C VAL A 127 -3.71 0.45 17.74
N SER A 128 -3.37 -0.59 18.51
CA SER A 128 -2.78 -1.79 17.93
C SER A 128 -3.68 -2.32 16.82
N GLU A 129 -3.07 -2.75 15.69
CA GLU A 129 -3.84 -3.33 14.59
C GLU A 129 -4.41 -4.68 15.03
N LEU A 130 -3.78 -5.29 16.04
CA LEU A 130 -4.17 -6.60 16.59
C LEU A 130 -5.21 -6.46 17.70
N ALA A 131 -5.38 -5.25 18.24
CA ALA A 131 -6.33 -4.98 19.32
C ALA A 131 -7.64 -5.73 19.04
N ALA A 132 -8.15 -6.41 20.09
CA ALA A 132 -9.36 -7.24 19.99
C ALA A 132 -10.57 -6.33 19.71
N ARG A 133 -11.61 -6.90 19.08
CA ARG A 133 -12.89 -6.22 18.87
C ARG A 133 -13.44 -5.76 20.23
N GLY A 134 -14.04 -4.56 20.27
CA GLY A 134 -14.52 -3.94 21.51
C GLY A 134 -13.41 -3.34 22.38
N THR A 135 -12.24 -3.10 21.80
CA THR A 135 -11.16 -2.42 22.50
C THR A 135 -11.47 -0.93 22.46
N VAL A 136 -11.43 -0.30 23.65
CA VAL A 136 -11.65 1.14 23.78
C VAL A 136 -10.53 1.91 23.04
N VAL A 137 -10.96 2.79 22.12
CA VAL A 137 -10.08 3.64 21.33
C VAL A 137 -9.90 4.99 22.03
N GLY A 138 -11.03 5.55 22.51
CA GLY A 138 -11.07 6.82 23.24
C GLY A 138 -12.50 7.22 23.55
N VAL A 139 -12.66 8.42 24.14
CA VAL A 139 -13.95 8.86 24.62
C VAL A 139 -14.19 10.34 24.31
N ILE A 140 -15.26 10.56 23.54
CA ILE A 140 -15.90 11.84 23.26
C ILE A 140 -16.68 12.27 24.51
N SER A 141 -16.99 13.57 24.61
CA SER A 141 -17.90 14.11 25.64
C SER A 141 -18.34 15.54 25.27
N ALA A 142 -19.64 15.77 25.39
CA ALA A 142 -20.27 17.06 25.18
C ALA A 142 -21.46 17.20 26.12
N ALA A 143 -21.70 18.42 26.61
CA ALA A 143 -22.82 18.74 27.48
C ALA A 143 -23.49 20.03 27.00
N ALA A 144 -24.67 20.32 27.57
CA ALA A 144 -25.44 21.55 27.38
C ALA A 144 -26.64 21.52 28.32
N ILE A 145 -26.85 22.63 29.04
CA ILE A 145 -27.63 22.67 30.28
C ILE A 145 -28.95 21.91 30.10
N ASN A 146 -29.31 21.13 31.14
CA ASN A 146 -30.69 20.67 31.39
C ASN A 146 -31.10 19.58 30.40
N GLN A 147 -30.21 19.16 29.49
CA GLN A 147 -30.56 18.12 28.49
C GLN A 147 -29.39 17.15 28.31
N SER A 148 -29.73 15.87 28.15
CA SER A 148 -28.80 14.75 28.02
C SER A 148 -28.63 14.38 26.53
N ILE A 149 -27.48 13.75 26.24
CA ILE A 149 -26.80 13.75 24.93
C ILE A 149 -26.83 12.38 24.25
N VAL A 150 -26.97 12.37 22.92
CA VAL A 150 -26.85 11.17 22.07
C VAL A 150 -25.70 11.38 21.08
N TYR A 151 -24.65 10.57 21.28
CA TYR A 151 -23.44 10.64 20.52
C TYR A 151 -23.54 9.73 19.29
N SER A 152 -22.77 10.06 18.26
CA SER A 152 -22.78 9.31 17.00
C SER A 152 -21.61 9.74 16.08
N ILE A 153 -21.15 8.79 15.25
CA ILE A 153 -20.29 9.06 14.09
C ILE A 153 -21.16 9.51 12.91
N VAL A 154 -20.90 10.70 12.37
CA VAL A 154 -21.62 11.20 11.17
C VAL A 154 -20.91 10.69 9.90
N ALA A 155 -19.58 10.87 9.84
CA ALA A 155 -18.84 10.58 8.60
C ALA A 155 -17.45 10.02 8.92
N GLY A 156 -16.82 9.44 7.90
CA GLY A 156 -15.46 8.95 7.97
C GLY A 156 -15.36 7.51 8.44
N ASN A 157 -16.49 6.88 8.79
CA ASN A 157 -16.49 5.47 9.18
C ASN A 157 -17.14 4.63 8.07
N GLU A 158 -16.66 4.83 6.85
CA GLU A 158 -17.17 4.15 5.64
C GLU A 158 -17.03 2.63 5.83
N GLU A 159 -15.85 2.20 6.29
CA GLU A 159 -15.44 0.80 6.31
C GLU A 159 -15.95 0.10 7.59
N ASP A 160 -16.88 0.71 8.32
CA ASP A 160 -17.45 0.16 9.57
C ASP A 160 -16.35 -0.47 10.44
N LYS A 161 -15.31 0.31 10.77
CA LYS A 161 -14.16 -0.18 11.54
C LYS A 161 -14.36 0.04 13.05
N PHE A 162 -15.19 1.03 13.40
CA PHE A 162 -15.39 1.42 14.80
C PHE A 162 -16.88 1.52 15.12
N GLY A 163 -17.18 1.56 16.42
CA GLY A 163 -18.50 1.86 16.93
C GLY A 163 -18.41 2.82 18.10
N ILE A 164 -19.56 3.40 18.47
CA ILE A 164 -19.65 4.38 19.55
C ILE A 164 -20.85 4.04 20.45
N ASN A 165 -20.61 4.08 21.77
CA ASN A 165 -21.68 3.93 22.77
C ASN A 165 -22.43 5.26 22.85
N ASN A 166 -23.47 5.40 22.00
CA ASN A 166 -24.21 6.67 21.76
C ASN A 166 -24.66 7.31 23.08
N VAL A 167 -24.57 6.55 24.18
CA VAL A 167 -24.88 7.00 25.55
C VAL A 167 -23.65 7.64 26.21
N THR A 168 -22.54 6.88 26.34
CA THR A 168 -21.34 7.30 27.15
C THR A 168 -20.32 8.07 26.31
N GLY A 169 -20.42 7.96 24.99
CA GLY A 169 -19.55 8.68 24.06
C GLY A 169 -18.22 7.97 23.84
N VAL A 170 -18.20 6.68 24.13
CA VAL A 170 -17.02 5.84 24.10
C VAL A 170 -16.91 5.16 22.74
N ILE A 171 -15.72 5.24 22.12
CA ILE A 171 -15.47 4.68 20.80
C ILE A 171 -14.64 3.41 20.91
N TYR A 172 -15.02 2.40 20.13
CA TYR A 172 -14.43 1.07 20.22
C TYR A 172 -14.21 0.50 18.81
N VAL A 173 -13.32 -0.51 18.75
CA VAL A 173 -13.03 -1.30 17.57
C VAL A 173 -14.26 -2.17 17.26
N ASN A 174 -14.72 -2.14 16.00
CA ASN A 174 -15.89 -2.93 15.56
C ASN A 174 -15.42 -4.19 14.83
N SER A 175 -15.00 -4.02 13.57
CA SER A 175 -14.31 -5.08 12.83
C SER A 175 -12.84 -5.08 13.23
N PRO A 176 -12.02 -6.10 12.87
CA PRO A 176 -10.59 -6.06 13.14
C PRO A 176 -9.90 -5.03 12.21
N LEU A 177 -8.61 -4.78 12.48
CA LEU A 177 -7.84 -3.68 11.89
C LEU A 177 -6.66 -4.24 11.09
N ASP A 178 -6.02 -3.38 10.29
CA ASP A 178 -4.92 -3.78 9.41
C ASP A 178 -4.11 -2.57 8.93
N TYR A 179 -2.92 -2.38 9.52
CA TYR A 179 -2.03 -1.26 9.20
C TYR A 179 -1.54 -1.35 7.75
N GLU A 180 -1.60 -2.55 7.18
CA GLU A 180 -1.15 -2.80 5.81
C GLU A 180 -2.18 -2.27 4.80
N THR A 181 -3.44 -2.12 5.24
CA THR A 181 -4.51 -1.53 4.45
C THR A 181 -4.60 -0.03 4.69
N ARG A 182 -4.93 0.39 5.92
CA ARG A 182 -5.10 1.81 6.27
C ARG A 182 -4.50 2.08 7.66
N THR A 183 -3.63 3.08 7.70
CA THR A 183 -2.89 3.45 8.88
C THR A 183 -3.64 4.47 9.76
N SER A 184 -4.53 5.26 9.13
CA SER A 184 -5.16 6.43 9.75
C SER A 184 -6.68 6.44 9.48
N TYR A 185 -7.42 6.99 10.44
CA TYR A 185 -8.84 7.30 10.29
C TYR A 185 -9.13 8.68 10.88
N VAL A 186 -10.07 9.39 10.24
CA VAL A 186 -10.65 10.59 10.84
C VAL A 186 -12.17 10.43 10.81
N LEU A 187 -12.73 10.19 12.00
CA LEU A 187 -14.17 10.15 12.21
C LEU A 187 -14.65 11.59 12.40
N ARG A 188 -15.84 11.90 11.89
CA ARG A 188 -16.58 13.06 12.35
C ARG A 188 -17.66 12.56 13.32
N VAL A 189 -17.63 13.10 14.53
CA VAL A 189 -18.62 12.79 15.57
C VAL A 189 -19.59 13.98 15.64
N GLN A 190 -20.85 13.67 15.95
CA GLN A 190 -21.86 14.69 16.24
C GLN A 190 -22.45 14.37 17.62
N ALA A 191 -22.82 15.44 18.34
CA ALA A 191 -23.64 15.32 19.58
C ALA A 191 -24.88 16.22 19.45
N ASP A 192 -26.04 15.58 19.28
CA ASP A 192 -27.33 16.24 19.36
C ASP A 192 -27.98 15.86 20.69
N SER A 193 -29.03 16.61 21.07
CA SER A 193 -29.71 16.45 22.37
C SER A 193 -30.92 15.53 22.23
N LEU A 194 -31.29 14.87 23.34
CA LEU A 194 -32.20 13.71 23.35
C LEU A 194 -33.59 14.07 22.80
N GLU A 195 -34.12 15.22 23.23
CA GLU A 195 -35.36 15.79 22.69
C GLU A 195 -35.31 15.80 21.15
N VAL A 196 -34.14 16.24 20.64
CA VAL A 196 -33.95 16.73 19.27
C VAL A 196 -33.73 15.56 18.30
N VAL A 197 -33.16 14.46 18.81
CA VAL A 197 -33.11 13.22 18.05
C VAL A 197 -34.54 12.69 17.86
N LEU A 198 -35.35 12.78 18.93
CA LEU A 198 -36.72 12.23 18.94
C LEU A 198 -37.61 12.95 17.91
N ALA A 199 -37.38 14.25 17.73
CA ALA A 199 -38.03 15.06 16.67
C ALA A 199 -37.42 14.75 15.29
N ASN A 200 -36.17 14.26 15.24
CA ASN A 200 -35.45 13.92 13.99
C ASN A 200 -34.97 15.19 13.28
N LEU A 201 -34.40 16.11 14.06
CA LEU A 201 -33.76 17.28 13.52
C LEU A 201 -32.33 17.34 14.09
N ARG A 202 -31.33 17.12 13.21
CA ARG A 202 -29.93 17.26 13.57
C ARG A 202 -29.54 18.73 13.36
N VAL A 203 -28.82 19.30 14.33
CA VAL A 203 -28.49 20.74 14.35
C VAL A 203 -26.98 20.91 14.32
N PRO A 204 -26.29 20.53 13.21
CA PRO A 204 -24.84 20.68 13.12
C PRO A 204 -24.35 22.11 13.38
N SER A 205 -23.29 22.24 14.20
CA SER A 205 -22.62 23.51 14.50
C SER A 205 -21.17 23.26 14.92
N LYS A 206 -20.33 24.30 14.85
CA LYS A 206 -18.94 24.26 15.36
C LYS A 206 -18.95 23.54 16.72
N SER A 207 -19.96 23.92 17.52
CA SER A 207 -20.24 23.43 18.86
C SER A 207 -20.43 21.90 18.89
N ASN A 208 -21.43 21.38 18.16
CA ASN A 208 -21.92 20.02 18.37
C ASN A 208 -21.37 19.02 17.33
N THR A 209 -20.44 19.47 16.47
CA THR A 209 -19.60 18.56 15.70
C THR A 209 -18.13 18.73 16.11
N ALA A 210 -17.44 17.58 16.15
CA ALA A 210 -16.01 17.49 16.32
C ALA A 210 -15.48 16.32 15.50
N LYS A 211 -14.15 16.27 15.38
CA LYS A 211 -13.41 15.26 14.64
C LYS A 211 -12.61 14.40 15.61
N VAL A 212 -12.45 13.12 15.25
CA VAL A 212 -11.64 12.15 15.99
C VAL A 212 -10.58 11.56 15.05
N TYR A 213 -9.32 11.63 15.49
CA TYR A 213 -8.14 11.31 14.71
C TYR A 213 -7.47 10.04 15.24
N ILE A 214 -7.73 8.93 14.53
CA ILE A 214 -7.36 7.61 14.96
C ILE A 214 -6.15 7.14 14.17
N GLU A 215 -5.12 6.70 14.89
CA GLU A 215 -3.87 6.25 14.32
C GLU A 215 -3.65 4.78 14.70
N ILE A 216 -3.38 3.95 13.69
CA ILE A 216 -3.19 2.53 13.85
C ILE A 216 -1.70 2.26 14.02
N GLN A 217 -1.35 1.54 15.09
CA GLN A 217 0.02 1.19 15.41
C GLN A 217 0.39 -0.09 14.69
N ASP A 218 1.54 -0.09 14.00
CA ASP A 218 1.96 -1.25 13.23
C ASP A 218 2.47 -2.30 14.20
N GLU A 219 2.09 -3.56 13.95
CA GLU A 219 2.49 -4.68 14.78
C GLU A 219 3.24 -5.68 13.90
N ASN A 220 4.04 -6.54 14.56
CA ASN A 220 4.91 -7.52 13.91
C ASN A 220 4.06 -8.75 13.57
N ASP A 221 3.15 -8.59 12.60
CA ASP A 221 2.12 -9.57 12.32
C ASP A 221 2.47 -10.35 11.04
N HIS A 222 3.47 -9.88 10.28
CA HIS A 222 4.01 -10.60 9.12
C HIS A 222 5.40 -11.12 9.46
N PRO A 223 5.79 -12.36 9.05
CA PRO A 223 7.13 -12.88 9.27
C PRO A 223 8.02 -12.74 8.05
N PRO A 224 9.37 -12.75 8.22
CA PRO A 224 10.27 -12.61 7.08
C PRO A 224 9.94 -13.62 5.98
N VAL A 225 10.11 -13.17 4.73
CA VAL A 225 10.07 -13.99 3.54
C VAL A 225 11.28 -13.66 2.68
N PHE A 226 12.07 -14.68 2.31
CA PHE A 226 13.20 -14.47 1.44
C PHE A 226 12.73 -14.19 0.00
N GLN A 227 13.53 -13.40 -0.74
CA GLN A 227 13.43 -13.25 -2.22
C GLN A 227 13.15 -14.60 -2.91
N LYS A 228 13.80 -15.67 -2.43
CA LYS A 228 13.80 -16.99 -3.08
C LYS A 228 13.74 -18.10 -2.02
N LYS A 229 12.91 -19.11 -2.24
CA LYS A 229 12.78 -20.26 -1.35
C LYS A 229 14.10 -21.06 -1.36
N PHE A 230 14.81 -21.05 -2.49
CA PHE A 230 16.03 -21.83 -2.74
C PHE A 230 17.10 -20.94 -3.37
N TYR A 231 18.25 -20.80 -2.71
CA TYR A 231 19.37 -20.03 -3.24
C TYR A 231 20.45 -21.00 -3.75
N ILE A 232 21.05 -20.67 -4.90
CA ILE A 232 22.04 -21.53 -5.58
C ILE A 232 23.28 -20.72 -5.96
N GLY A 233 24.42 -21.09 -5.36
CA GLY A 233 25.71 -20.47 -5.68
C GLY A 233 26.76 -21.53 -5.98
N GLY A 234 28.01 -21.07 -6.10
CA GLY A 234 29.14 -21.91 -6.42
C GLY A 234 30.42 -21.31 -5.90
N VAL A 235 31.40 -22.16 -5.59
CA VAL A 235 32.71 -21.69 -5.25
C VAL A 235 33.68 -22.33 -6.22
N SER A 236 34.76 -21.60 -6.51
CA SER A 236 35.88 -22.15 -7.21
C SER A 236 36.79 -22.87 -6.21
N GLU A 237 37.54 -23.86 -6.69
CA GLU A 237 38.48 -24.58 -5.84
C GLU A 237 39.48 -23.61 -5.22
N ASP A 238 39.79 -22.53 -5.95
CA ASP A 238 40.86 -21.59 -5.60
C ASP A 238 40.30 -20.35 -4.86
N ALA A 239 39.02 -20.38 -4.49
CA ALA A 239 38.40 -19.26 -3.78
C ALA A 239 39.22 -18.92 -2.53
N ARG A 240 39.62 -17.66 -2.41
CA ARG A 240 40.26 -17.13 -1.21
C ARG A 240 39.30 -17.20 -0.01
N MET A 241 39.87 -17.30 1.19
CA MET A 241 39.08 -17.33 2.43
C MET A 241 38.23 -16.07 2.50
N PHE A 242 36.92 -16.25 2.65
CA PHE A 242 35.96 -15.17 2.85
C PHE A 242 35.62 -14.52 1.50
N ALA A 243 35.79 -15.28 0.42
CA ALA A 243 35.23 -14.94 -0.88
C ALA A 243 33.71 -14.75 -0.79
N SER A 244 33.17 -13.72 -1.47
CA SER A 244 31.69 -13.51 -1.61
C SER A 244 31.07 -14.67 -2.41
N VAL A 245 29.95 -15.21 -1.94
CA VAL A 245 29.35 -16.40 -2.54
C VAL A 245 27.94 -16.07 -3.04
N LEU A 246 27.13 -15.45 -2.18
CA LEU A 246 25.86 -14.83 -2.59
C LEU A 246 25.28 -14.02 -1.43
N ARG A 247 24.30 -13.17 -1.77
CA ARG A 247 23.66 -12.26 -0.85
C ARG A 247 22.19 -12.64 -0.78
N VAL A 248 21.74 -13.09 0.39
CA VAL A 248 20.33 -13.39 0.60
C VAL A 248 19.64 -12.10 1.02
N LYS A 249 18.30 -12.11 0.95
CA LYS A 249 17.51 -10.99 1.37
C LYS A 249 16.08 -11.47 1.68
N ALA A 250 15.60 -11.04 2.85
CA ALA A 250 14.26 -11.27 3.30
C ALA A 250 13.52 -9.93 3.37
N THR A 251 12.19 -10.01 3.32
CA THR A 251 11.30 -8.86 3.24
C THR A 251 10.08 -9.13 4.10
N ASP A 252 9.34 -8.05 4.38
CA ASP A 252 8.34 -8.03 5.42
C ASP A 252 7.46 -6.80 5.18
N ARG A 253 6.14 -7.00 5.19
CA ARG A 253 5.21 -5.92 4.92
C ARG A 253 5.13 -5.02 6.16
N ASP A 254 5.78 -5.39 7.25
CA ASP A 254 5.81 -4.51 8.41
C ASP A 254 6.85 -3.40 8.15
N THR A 255 6.72 -2.33 8.92
CA THR A 255 7.58 -1.14 8.80
C THR A 255 8.60 -1.13 9.94
N GLY A 256 9.76 -0.53 9.66
CA GLY A 256 10.76 -0.21 10.67
C GLY A 256 11.46 -1.45 11.18
N ASN A 257 11.83 -1.42 12.46
CA ASN A 257 12.52 -2.49 13.18
C ASN A 257 11.78 -3.83 12.95
N TYR A 258 10.48 -3.78 12.72
CA TYR A 258 9.66 -5.00 12.61
C TYR A 258 9.85 -5.66 11.24
N SER A 259 10.66 -5.04 10.37
CA SER A 259 10.97 -5.59 9.04
C SER A 259 12.49 -5.66 8.81
N ALA A 260 13.27 -5.53 9.90
CA ALA A 260 14.72 -5.43 9.83
C ALA A 260 15.36 -6.75 10.28
N MET A 261 16.10 -7.36 9.35
CA MET A 261 16.51 -8.75 9.46
C MET A 261 17.89 -8.89 10.12
N ALA A 262 17.98 -9.88 11.02
CA ALA A 262 19.22 -10.56 11.36
C ALA A 262 19.24 -11.92 10.65
N TYR A 263 20.44 -12.29 10.18
CA TYR A 263 20.68 -13.47 9.37
C TYR A 263 21.63 -14.42 10.12
N ARG A 264 21.34 -15.71 9.99
CA ARG A 264 22.18 -16.73 10.54
C ARG A 264 21.99 -18.02 9.72
N LEU A 265 23.08 -18.80 9.63
CA LEU A 265 23.06 -20.04 8.89
C LEU A 265 22.88 -21.23 9.83
N ILE A 266 22.57 -22.38 9.20
CA ILE A 266 22.50 -23.66 9.88
C ILE A 266 23.11 -24.72 8.96
N ILE A 267 24.45 -24.85 9.03
CA ILE A 267 25.21 -25.82 8.24
C ILE A 267 25.22 -27.17 8.96
N PRO A 268 24.99 -28.30 8.26
CA PRO A 268 25.16 -29.62 8.85
C PRO A 268 26.66 -29.83 9.09
N PRO A 269 27.05 -30.42 10.24
CA PRO A 269 28.45 -30.50 10.64
C PRO A 269 29.43 -30.91 9.52
N ILE A 270 30.55 -30.19 9.45
CA ILE A 270 31.67 -30.42 8.51
C ILE A 270 32.92 -30.86 9.30
N LYS A 271 33.76 -31.69 8.68
CA LYS A 271 34.89 -32.27 9.37
C LYS A 271 35.83 -31.19 9.87
N GLU A 272 36.61 -31.55 10.90
CA GLU A 272 37.72 -30.76 11.41
C GLU A 272 37.17 -29.44 11.93
N GLY A 273 35.91 -29.49 12.42
CA GLY A 273 35.20 -28.35 13.00
C GLY A 273 35.39 -27.07 12.20
N LYS A 274 35.02 -27.12 10.93
CA LYS A 274 35.05 -25.98 10.05
C LYS A 274 33.60 -25.54 9.84
N GLU A 275 33.42 -24.25 9.63
CA GLU A 275 32.10 -23.69 9.53
C GLU A 275 31.65 -23.80 8.06
N GLY A 276 32.64 -23.88 7.15
CA GLY A 276 32.42 -23.91 5.70
C GLY A 276 32.07 -22.53 5.14
N PHE A 277 31.01 -21.93 5.69
CA PHE A 277 30.41 -20.70 5.20
C PHE A 277 29.92 -19.87 6.38
N VAL A 278 29.94 -18.55 6.23
CA VAL A 278 29.40 -17.61 7.21
C VAL A 278 28.52 -16.59 6.50
N VAL A 279 27.58 -16.00 7.23
CA VAL A 279 26.80 -14.90 6.69
C VAL A 279 27.03 -13.65 7.54
N GLU A 280 27.02 -12.49 6.89
CA GLU A 280 27.01 -11.24 7.61
C GLU A 280 25.60 -11.05 8.15
N THR A 281 25.50 -10.78 9.45
CA THR A 281 24.24 -10.73 10.17
C THR A 281 23.22 -9.79 9.54
N TYR A 282 23.64 -8.63 9.00
CA TYR A 282 22.67 -7.61 8.55
C TYR A 282 22.70 -7.37 7.05
N THR A 283 23.82 -7.63 6.38
CA THR A 283 23.89 -7.47 4.93
C THR A 283 23.29 -8.72 4.24
N GLY A 284 23.34 -9.86 4.93
CA GLY A 284 22.90 -11.13 4.39
C GLY A 284 23.85 -11.70 3.36
N LEU A 285 25.11 -11.25 3.39
CA LEU A 285 26.16 -11.71 2.48
C LEU A 285 26.86 -12.95 3.06
N ILE A 286 26.78 -14.06 2.31
CA ILE A 286 27.41 -15.29 2.64
C ILE A 286 28.81 -15.31 2.02
N LYS A 287 29.77 -15.84 2.78
CA LYS A 287 31.12 -15.98 2.35
C LYS A 287 31.66 -17.36 2.72
N THR A 288 32.65 -17.77 1.90
CA THR A 288 33.68 -18.75 2.12
C THR A 288 34.29 -18.60 3.52
N ALA A 289 34.31 -19.72 4.28
CA ALA A 289 34.99 -19.85 5.59
C ALA A 289 36.00 -21.01 5.56
N MET A 290 36.42 -21.44 4.36
CA MET A 290 37.44 -22.47 4.21
C MET A 290 37.95 -22.49 2.76
N LEU A 291 38.94 -23.37 2.51
CA LEU A 291 39.49 -23.60 1.18
C LEU A 291 38.81 -24.82 0.59
N PHE A 292 38.76 -24.90 -0.74
CA PHE A 292 38.05 -25.95 -1.46
C PHE A 292 38.94 -26.66 -2.47
N HIS A 293 40.25 -26.74 -2.16
CA HIS A 293 41.23 -27.47 -2.94
C HIS A 293 40.74 -28.90 -3.20
N ASN A 294 40.85 -29.34 -4.46
CA ASN A 294 40.52 -30.70 -4.87
C ASN A 294 39.08 -31.10 -4.51
N MET A 295 38.16 -30.15 -4.31
CA MET A 295 36.80 -30.52 -3.83
C MET A 295 35.75 -30.39 -4.95
N ARG A 296 36.20 -30.19 -6.19
CA ARG A 296 35.30 -30.09 -7.34
C ARG A 296 34.33 -31.29 -7.38
N ARG A 297 33.05 -30.97 -7.61
CA ARG A 297 31.88 -31.87 -7.72
C ARG A 297 31.36 -32.22 -6.32
N SER A 298 32.09 -31.78 -5.28
CA SER A 298 31.50 -31.63 -3.96
C SER A 298 30.36 -30.61 -4.02
N TYR A 299 29.55 -30.58 -2.95
CA TYR A 299 28.52 -29.58 -2.77
C TYR A 299 28.11 -29.48 -1.29
N PHE A 300 27.40 -28.38 -0.98
CA PHE A 300 26.96 -28.05 0.38
C PHE A 300 25.52 -27.57 0.34
N LYS A 301 24.70 -28.18 1.21
CA LYS A 301 23.32 -27.80 1.39
C LYS A 301 23.15 -27.39 2.85
N PHE A 302 22.90 -26.11 3.05
CA PHE A 302 22.56 -25.60 4.35
C PHE A 302 21.26 -24.79 4.22
N GLN A 303 20.81 -24.22 5.34
CA GLN A 303 19.68 -23.32 5.31
C GLN A 303 20.06 -22.04 6.05
N VAL A 304 19.41 -20.96 5.63
CA VAL A 304 19.60 -19.61 6.19
C VAL A 304 18.28 -19.16 6.82
N ILE A 305 18.42 -18.42 7.93
CA ILE A 305 17.30 -17.93 8.73
C ILE A 305 17.37 -16.42 8.72
N ALA A 306 16.21 -15.79 8.56
CA ALA A 306 16.05 -14.36 8.81
C ALA A 306 15.12 -14.19 10.00
N THR A 307 15.52 -13.34 10.95
CA THR A 307 14.67 -13.00 12.09
C THR A 307 14.61 -11.47 12.21
N ASP A 308 13.37 -10.94 12.25
CA ASP A 308 13.13 -9.51 12.14
C ASP A 308 13.10 -8.89 13.53
N ASP A 309 12.96 -7.57 13.60
CA ASP A 309 13.18 -6.86 14.84
C ASP A 309 14.60 -7.21 15.30
N TYR A 310 15.50 -7.38 14.34
CA TYR A 310 16.91 -7.62 14.63
C TYR A 310 17.11 -8.89 15.48
N GLY A 311 16.38 -9.95 15.15
CA GLY A 311 16.58 -11.25 15.76
C GLY A 311 15.78 -11.42 17.04
N LYS A 312 14.96 -10.41 17.38
CA LYS A 312 14.08 -10.45 18.53
C LYS A 312 12.66 -10.86 18.12
N GLY A 313 12.39 -10.97 16.82
CA GLY A 313 11.03 -10.99 16.31
C GLY A 313 10.58 -12.33 15.73
N LEU A 314 9.95 -12.27 14.56
CA LEU A 314 9.54 -13.45 13.78
C LEU A 314 10.66 -13.83 12.82
N SER A 315 10.59 -15.10 12.34
CA SER A 315 11.66 -15.69 11.57
C SER A 315 11.07 -16.33 10.32
N GLY A 316 11.90 -16.44 9.28
CA GLY A 316 11.61 -17.24 8.09
C GLY A 316 12.90 -17.85 7.56
N LYS A 317 12.77 -18.89 6.72
CA LYS A 317 13.96 -19.60 6.27
C LYS A 317 14.00 -19.76 4.74
N ALA A 318 15.21 -19.97 4.23
CA ALA A 318 15.42 -20.46 2.89
C ALA A 318 16.50 -21.53 2.94
N ASP A 319 16.57 -22.33 1.86
CA ASP A 319 17.56 -23.37 1.70
C ASP A 319 18.59 -22.87 0.69
N VAL A 320 19.86 -23.18 0.95
CA VAL A 320 20.97 -22.76 0.11
C VAL A 320 21.73 -23.98 -0.39
N LEU A 321 22.21 -23.90 -1.63
CA LEU A 321 23.10 -24.90 -2.22
C LEU A 321 24.34 -24.20 -2.78
N VAL A 322 25.53 -24.66 -2.36
CA VAL A 322 26.80 -24.19 -2.91
C VAL A 322 27.49 -25.38 -3.57
N SER A 323 27.78 -25.27 -4.87
CA SER A 323 28.51 -26.30 -5.58
C SER A 323 29.96 -25.86 -5.79
N VAL A 324 30.89 -26.83 -5.72
CA VAL A 324 32.30 -26.62 -6.03
C VAL A 324 32.58 -27.00 -7.48
N VAL A 325 33.52 -26.24 -8.09
CA VAL A 325 33.83 -26.21 -9.53
C VAL A 325 35.28 -25.73 -9.73
N ASN A 326 35.78 -25.90 -10.96
CA ASN A 326 36.99 -25.23 -11.43
C ASN A 326 36.86 -25.06 -12.95
N GLN A 327 37.93 -24.66 -13.64
CA GLN A 327 37.85 -24.18 -15.05
C GLN A 327 37.14 -25.21 -15.95
N LEU A 328 37.29 -26.50 -15.65
CA LEU A 328 36.61 -27.58 -16.40
C LEU A 328 35.11 -27.33 -16.55
N ASP A 329 34.47 -26.66 -15.58
CA ASP A 329 33.02 -26.45 -15.58
C ASP A 329 32.64 -25.12 -16.26
N MET A 330 33.65 -24.34 -16.67
CA MET A 330 33.42 -22.93 -17.03
C MET A 330 33.45 -22.73 -18.55
N GLN A 331 32.73 -21.68 -18.98
CA GLN A 331 32.83 -21.17 -20.34
C GLN A 331 33.14 -19.66 -20.25
N VAL A 332 33.78 -19.12 -21.30
CA VAL A 332 34.13 -17.70 -21.37
C VAL A 332 33.27 -17.04 -22.45
N ILE A 333 32.74 -15.86 -22.13
CA ILE A 333 31.89 -15.07 -22.98
C ILE A 333 32.58 -13.75 -23.29
N VAL A 334 32.99 -13.63 -24.54
CA VAL A 334 33.73 -12.49 -25.04
C VAL A 334 32.74 -11.48 -25.64
N SER A 335 32.77 -10.23 -25.14
CA SER A 335 31.82 -9.20 -25.59
C SER A 335 32.60 -8.00 -26.15
N ASN A 336 32.00 -7.23 -27.04
CA ASN A 336 32.72 -6.11 -27.68
C ASN A 336 32.59 -4.84 -26.83
N VAL A 337 32.29 -4.99 -25.54
CA VAL A 337 32.20 -3.87 -24.60
C VAL A 337 33.18 -4.10 -23.45
N PRO A 338 33.60 -3.03 -22.72
CA PRO A 338 34.59 -3.16 -21.65
C PRO A 338 34.08 -3.77 -20.35
N PRO A 339 34.99 -4.35 -19.54
CA PRO A 339 34.61 -5.10 -18.34
C PRO A 339 33.86 -4.26 -17.30
N THR A 340 34.23 -2.98 -17.16
CA THR A 340 33.57 -2.13 -16.18
C THR A 340 32.07 -2.03 -16.47
N LEU A 341 31.70 -2.11 -17.75
CA LEU A 341 30.32 -2.04 -18.20
C LEU A 341 29.60 -3.34 -17.86
N VAL A 342 30.18 -4.47 -18.26
CA VAL A 342 29.63 -5.77 -17.94
C VAL A 342 29.42 -5.88 -16.42
N GLU A 343 30.51 -5.71 -15.66
CA GLU A 343 30.50 -5.80 -14.20
C GLU A 343 29.41 -4.90 -13.60
N LYS A 344 29.27 -3.68 -14.11
CA LYS A 344 28.27 -2.76 -13.60
C LYS A 344 26.87 -3.39 -13.66
N LYS A 345 26.59 -4.20 -14.70
CA LYS A 345 25.22 -4.61 -15.00
C LYS A 345 25.01 -6.12 -14.81
N ILE A 346 25.81 -6.75 -13.95
CA ILE A 346 25.87 -8.20 -13.96
C ILE A 346 24.56 -8.81 -13.49
N GLU A 347 23.99 -8.27 -12.40
CA GLU A 347 22.84 -8.92 -11.78
C GLU A 347 21.78 -9.17 -12.88
N ASP A 348 21.69 -8.22 -13.83
CA ASP A 348 20.67 -8.23 -14.87
C ASP A 348 21.07 -9.19 -16.02
N LEU A 349 22.32 -9.08 -16.50
CA LEU A 349 22.81 -9.97 -17.54
C LEU A 349 22.68 -11.43 -17.07
N THR A 350 23.22 -11.73 -15.88
CA THR A 350 23.14 -13.07 -15.29
C THR A 350 21.68 -13.55 -15.30
N GLU A 351 20.77 -12.66 -14.89
CA GLU A 351 19.31 -12.94 -14.81
C GLU A 351 18.78 -13.31 -16.21
N ILE A 352 19.37 -12.77 -17.28
CA ILE A 352 18.94 -13.14 -18.62
C ILE A 352 19.40 -14.57 -18.91
N LEU A 353 20.71 -14.81 -18.79
CA LEU A 353 21.33 -16.11 -19.08
C LEU A 353 20.60 -17.21 -18.29
N ASP A 354 20.29 -16.90 -17.02
CA ASP A 354 19.49 -17.78 -16.17
C ASP A 354 18.22 -18.23 -16.91
N ARG A 355 17.46 -17.26 -17.43
CA ARG A 355 16.21 -17.51 -18.18
C ARG A 355 16.44 -18.45 -19.39
N TYR A 356 17.53 -18.26 -20.14
CA TYR A 356 17.84 -19.10 -21.31
C TYR A 356 18.28 -20.52 -20.89
N VAL A 357 19.17 -20.62 -19.90
CA VAL A 357 19.61 -21.92 -19.47
C VAL A 357 18.42 -22.66 -18.84
N GLN A 358 17.50 -21.93 -18.19
CA GLN A 358 16.38 -22.51 -17.45
C GLN A 358 15.38 -23.24 -18.38
N GLU A 359 15.32 -22.84 -19.66
CA GLU A 359 14.36 -23.43 -20.57
C GLU A 359 14.87 -24.82 -21.01
N GLN A 360 16.19 -25.05 -20.87
CA GLN A 360 16.82 -26.38 -20.98
C GLN A 360 16.80 -27.13 -19.64
N ILE A 361 17.32 -26.49 -18.60
CA ILE A 361 17.46 -27.11 -17.29
C ILE A 361 16.58 -26.33 -16.32
N PRO A 362 15.41 -26.86 -15.93
CA PRO A 362 14.58 -26.21 -14.92
C PRO A 362 15.38 -25.79 -13.68
N GLY A 363 15.23 -24.53 -13.28
CA GLY A 363 15.82 -24.01 -12.05
C GLY A 363 17.33 -23.89 -12.06
N ALA A 364 18.00 -24.14 -13.20
CA ALA A 364 19.47 -23.92 -13.31
C ALA A 364 19.82 -22.47 -12.96
N LYS A 365 21.05 -22.26 -12.50
CA LYS A 365 21.49 -20.95 -12.03
C LYS A 365 22.89 -20.69 -12.61
N VAL A 366 23.02 -19.61 -13.37
CA VAL A 366 24.30 -19.17 -13.90
C VAL A 366 25.05 -18.41 -12.80
N VAL A 367 26.36 -18.63 -12.76
CA VAL A 367 27.26 -18.13 -11.74
C VAL A 367 28.51 -17.56 -12.42
N VAL A 368 29.08 -16.52 -11.85
CA VAL A 368 29.95 -15.63 -12.58
C VAL A 368 31.35 -15.72 -12.00
N GLU A 369 32.19 -16.63 -12.49
CA GLU A 369 33.51 -16.83 -11.88
C GLU A 369 34.36 -15.55 -11.92
N SER A 370 34.24 -14.75 -12.98
CA SER A 370 35.18 -13.65 -13.19
C SER A 370 34.68 -12.72 -14.32
N ILE A 371 35.23 -11.50 -14.31
CA ILE A 371 35.08 -10.49 -15.37
C ILE A 371 36.41 -9.74 -15.48
N GLY A 372 36.96 -9.64 -16.68
CA GLY A 372 38.21 -8.93 -16.89
C GLY A 372 38.36 -8.55 -18.34
N ALA A 373 39.46 -7.86 -18.66
CA ALA A 373 39.79 -7.52 -20.04
C ALA A 373 39.79 -8.80 -20.88
N ARG A 374 39.46 -8.64 -22.17
CA ARG A 374 39.51 -9.71 -23.16
C ARG A 374 40.97 -10.12 -23.41
N ARG A 375 41.29 -11.34 -22.98
CA ARG A 375 42.57 -11.97 -23.23
C ARG A 375 42.56 -12.45 -24.69
N HIS A 376 43.71 -12.27 -25.37
CA HIS A 376 43.79 -12.54 -26.81
C HIS A 376 45.23 -12.81 -27.25
N GLY A 377 45.37 -13.08 -28.55
CA GLY A 377 46.65 -13.20 -29.22
C GLY A 377 47.28 -14.57 -28.97
N ASP A 378 48.47 -14.54 -28.37
CA ASP A 378 49.42 -15.62 -28.48
C ASP A 378 49.42 -16.44 -27.18
N ALA A 379 48.71 -17.57 -27.21
CA ALA A 379 48.35 -18.32 -26.01
C ALA A 379 47.83 -17.35 -24.94
N TYR A 380 46.90 -16.49 -25.37
CA TYR A 380 46.12 -15.57 -24.52
C TYR A 380 47.03 -14.75 -23.61
N SER A 381 48.23 -14.43 -24.10
CA SER A 381 49.27 -13.77 -23.34
C SER A 381 48.77 -12.44 -22.78
N LEU A 382 48.03 -11.68 -23.59
CA LEU A 382 47.86 -10.24 -23.41
C LEU A 382 46.39 -9.85 -23.55
N GLU A 383 46.05 -8.63 -23.09
CA GLU A 383 44.67 -8.28 -22.78
C GLU A 383 44.28 -6.91 -23.32
N ASP A 384 43.00 -6.81 -23.71
CA ASP A 384 42.38 -5.67 -24.37
C ASP A 384 41.22 -5.16 -23.49
N TYR A 385 41.37 -3.95 -22.93
CA TYR A 385 40.42 -3.42 -21.91
C TYR A 385 39.21 -2.68 -22.55
N SER A 386 39.05 -2.78 -23.87
CA SER A 386 37.89 -2.23 -24.57
C SER A 386 36.83 -3.33 -24.79
N LYS A 387 37.26 -4.59 -24.62
CA LYS A 387 36.41 -5.76 -24.68
C LYS A 387 36.51 -6.52 -23.35
N CYS A 388 35.72 -7.58 -23.24
CA CYS A 388 35.46 -8.25 -21.97
C CYS A 388 35.31 -9.77 -22.13
N ASP A 389 36.18 -10.50 -21.40
CA ASP A 389 36.03 -11.91 -21.12
C ASP A 389 35.20 -12.07 -19.83
N LEU A 390 34.04 -12.75 -19.95
CA LEU A 390 33.14 -12.98 -18.82
C LEU A 390 33.03 -14.49 -18.58
N THR A 391 33.48 -14.95 -17.41
CA THR A 391 33.65 -16.39 -17.16
C THR A 391 32.48 -16.93 -16.34
N VAL A 392 31.82 -17.98 -16.84
CA VAL A 392 30.59 -18.44 -16.22
C VAL A 392 30.55 -19.97 -16.12
N TYR A 393 29.59 -20.41 -15.33
CA TYR A 393 29.20 -21.79 -15.18
C TYR A 393 27.76 -21.87 -14.69
N ALA A 394 27.14 -23.05 -14.88
CA ALA A 394 25.77 -23.18 -14.44
C ALA A 394 25.65 -24.41 -13.53
N ILE A 395 24.66 -24.34 -12.62
CA ILE A 395 24.43 -25.31 -11.56
C ILE A 395 23.01 -25.90 -11.71
N ASP A 396 22.92 -27.23 -11.80
CA ASP A 396 21.65 -27.93 -11.83
C ASP A 396 21.19 -28.20 -10.40
N PRO A 397 20.03 -27.69 -9.95
CA PRO A 397 19.52 -28.01 -8.63
C PRO A 397 19.17 -29.49 -8.48
N GLN A 398 18.85 -30.14 -9.60
CA GLN A 398 18.60 -31.56 -9.62
C GLN A 398 19.84 -32.33 -9.15
N THR A 399 20.99 -32.02 -9.74
CA THR A 399 22.20 -32.81 -9.54
C THR A 399 23.06 -32.25 -8.40
N ASN A 400 22.90 -30.96 -8.07
CA ASN A 400 23.74 -30.29 -7.05
C ASN A 400 25.17 -30.02 -7.57
N ARG A 401 25.53 -30.67 -8.68
CA ARG A 401 26.81 -30.48 -9.31
C ARG A 401 26.56 -29.50 -10.47
N ALA A 402 27.66 -28.99 -11.04
CA ALA A 402 27.62 -28.05 -12.19
C ALA A 402 26.93 -28.70 -13.40
N ILE A 403 26.92 -27.97 -14.51
CA ILE A 403 26.48 -28.45 -15.82
C ILE A 403 27.73 -28.70 -16.68
N ASP A 404 27.57 -29.52 -17.72
CA ASP A 404 28.66 -29.87 -18.61
C ASP A 404 29.06 -28.63 -19.42
N ARG A 405 30.35 -28.29 -19.35
CA ARG A 405 30.95 -27.18 -20.07
C ARG A 405 30.41 -27.09 -21.51
N ASN A 406 30.32 -28.25 -22.18
CA ASN A 406 29.98 -28.35 -23.59
C ASN A 406 28.46 -28.23 -23.78
N GLU A 407 27.70 -28.66 -22.76
CA GLU A 407 26.25 -28.46 -22.77
C GLU A 407 25.94 -26.97 -22.58
N LEU A 408 26.73 -26.30 -21.73
CA LEU A 408 26.53 -24.87 -21.46
C LEU A 408 26.75 -24.10 -22.76
N PHE A 409 27.80 -24.46 -23.50
CA PHE A 409 28.09 -23.84 -24.78
C PHE A 409 26.88 -23.94 -25.72
N LYS A 410 26.36 -25.15 -25.92
CA LYS A 410 25.20 -25.39 -26.79
C LYS A 410 24.06 -24.43 -26.44
N PHE A 411 23.68 -24.45 -25.16
CA PHE A 411 22.55 -23.70 -24.65
C PHE A 411 22.68 -22.20 -24.99
N LEU A 412 23.91 -21.67 -25.02
CA LEU A 412 24.17 -20.22 -25.20
C LEU A 412 24.47 -19.87 -26.67
N ASP A 413 25.50 -20.51 -27.26
CA ASP A 413 25.84 -20.33 -28.70
C ASP A 413 24.59 -20.58 -29.54
N GLY A 414 23.78 -21.55 -29.11
CA GLY A 414 22.51 -21.86 -29.73
C GLY A 414 21.52 -20.70 -29.78
N LYS A 415 21.60 -19.77 -28.83
CA LYS A 415 20.53 -18.80 -28.62
C LYS A 415 21.12 -17.37 -28.60
N LEU A 416 22.32 -17.26 -29.17
CA LEU A 416 23.20 -16.11 -29.00
C LEU A 416 22.56 -14.87 -29.65
N LEU A 417 21.87 -15.07 -30.77
CA LEU A 417 21.10 -14.04 -31.48
C LEU A 417 20.01 -13.46 -30.58
N ASP A 418 19.29 -14.35 -29.88
CA ASP A 418 18.19 -13.97 -29.01
C ASP A 418 18.76 -13.30 -27.74
N ILE A 419 19.88 -13.82 -27.24
CA ILE A 419 20.55 -13.20 -26.06
C ILE A 419 20.99 -11.77 -26.40
N ASN A 420 21.78 -11.62 -27.49
CA ASN A 420 22.33 -10.31 -27.92
C ASN A 420 21.23 -9.26 -28.13
N LYS A 421 19.99 -9.69 -28.44
CA LYS A 421 18.87 -8.77 -28.49
C LYS A 421 18.62 -8.27 -27.07
N ASP A 422 18.53 -9.21 -26.11
CA ASP A 422 18.15 -8.92 -24.73
C ASP A 422 19.27 -8.11 -24.04
N PHE A 423 20.50 -8.25 -24.54
CA PHE A 423 21.66 -7.54 -24.00
C PHE A 423 21.74 -6.12 -24.55
N GLN A 424 21.08 -5.87 -25.69
CA GLN A 424 21.16 -4.61 -26.44
C GLN A 424 21.11 -3.44 -25.46
N PRO A 425 20.08 -3.29 -24.60
CA PRO A 425 20.01 -2.16 -23.65
C PRO A 425 21.18 -2.01 -22.67
N TYR A 426 21.83 -3.11 -22.28
CA TYR A 426 22.91 -3.06 -21.28
C TYR A 426 24.23 -2.69 -21.98
N TYR A 427 24.37 -3.15 -23.23
CA TYR A 427 25.63 -3.12 -23.92
C TYR A 427 25.72 -1.89 -24.82
N GLY A 428 24.56 -1.38 -25.25
CA GLY A 428 24.45 -0.19 -26.11
C GLY A 428 24.53 -0.55 -27.58
N GLU A 429 24.30 0.44 -28.46
CA GLU A 429 24.22 0.22 -29.91
C GLU A 429 25.47 -0.53 -30.42
N GLY A 430 25.23 -1.62 -31.14
CA GLY A 430 26.29 -2.43 -31.72
C GLY A 430 27.11 -3.19 -30.68
N GLY A 431 26.64 -3.20 -29.42
CA GLY A 431 27.20 -4.06 -28.40
C GLY A 431 26.68 -5.47 -28.57
N ARG A 432 27.56 -6.47 -28.40
CA ARG A 432 27.16 -7.87 -28.58
C ARG A 432 28.24 -8.83 -28.07
N ILE A 433 27.78 -10.05 -27.75
CA ILE A 433 28.61 -11.20 -27.51
C ILE A 433 29.20 -11.66 -28.85
N LEU A 434 30.53 -11.69 -28.91
CA LEU A 434 31.27 -12.07 -30.11
C LEU A 434 31.31 -13.60 -30.24
N GLU A 435 31.97 -14.27 -29.29
CA GLU A 435 32.00 -15.70 -29.23
C GLU A 435 31.79 -16.17 -27.78
N ILE A 436 31.65 -17.48 -27.64
CA ILE A 436 31.83 -18.20 -26.38
C ILE A 436 32.99 -19.19 -26.58
N ARG A 437 33.88 -19.29 -25.61
CA ARG A 437 35.04 -20.16 -25.75
C ARG A 437 35.28 -20.94 -24.45
N THR A 438 36.19 -21.92 -24.53
CA THR A 438 36.65 -22.64 -23.37
C THR A 438 37.83 -21.89 -22.75
N PRO A 439 37.93 -21.86 -21.40
CA PRO A 439 39.10 -21.30 -20.73
C PRO A 439 40.42 -21.81 -21.30
N GLU A 440 41.41 -20.92 -21.27
CA GLU A 440 42.67 -21.08 -21.95
C GLU A 440 43.48 -22.15 -21.22
N ALA A 441 43.27 -22.26 -19.90
CA ALA A 441 43.96 -23.23 -19.06
C ALA A 441 43.64 -24.65 -19.53
N VAL A 442 42.35 -24.95 -19.67
CA VAL A 442 41.87 -26.29 -20.00
C VAL A 442 42.71 -26.88 -21.14
N THR A 443 42.59 -26.26 -22.32
CA THR A 443 42.93 -26.87 -23.62
C THR A 443 44.32 -27.56 -23.54
N SER A 444 44.31 -28.87 -23.81
CA SER A 444 45.44 -29.83 -23.65
C SER A 444 45.64 -30.62 -24.95
C1 NAG B . -28.49 4.23 20.82
C2 NAG B . -28.86 3.60 19.48
C3 NAG B . -30.06 2.68 19.65
C4 NAG B . -29.64 1.49 20.54
C5 NAG B . -28.93 1.96 21.83
C6 NAG B . -28.04 0.83 22.37
C7 NAG B . -29.77 5.65 18.37
C8 NAG B . -29.53 6.66 17.28
N2 NAG B . -28.92 4.61 18.41
O3 NAG B . -30.49 2.24 18.36
O4 NAG B . -30.76 0.64 20.88
O5 NAG B . -28.11 3.16 21.71
O6 NAG B . -27.44 1.20 23.62
O7 NAG B . -30.64 5.75 19.20
C1 NAG B . -30.78 -0.65 20.19
C2 NAG B . -31.80 -1.63 20.81
C3 NAG B . -32.17 -2.81 19.90
C4 NAG B . -32.27 -2.47 18.41
C5 NAG B . -31.03 -1.68 18.02
C6 NAG B . -30.97 -1.40 16.52
C7 NAG B . -31.03 -1.63 23.18
C8 NAG B . -30.67 -2.52 24.35
N2 NAG B . -31.35 -2.25 22.06
O3 NAG B . -33.42 -3.38 20.33
O4 NAG B . -32.37 -3.70 17.66
O5 NAG B . -31.03 -0.46 18.78
O6 NAG B . -32.05 -0.57 16.13
O7 NAG B . -31.03 -0.41 23.28
C1 NAG C . 15.75 -0.44 16.47
C2 NAG C . 15.37 0.36 17.69
C3 NAG C . 16.56 1.18 18.19
C4 NAG C . 17.89 0.43 18.36
C5 NAG C . 18.21 -0.53 17.15
C6 NAG C . 19.50 -1.47 17.22
C7 NAG C . 13.07 1.25 17.83
C8 NAG C . 12.10 2.21 17.18
N2 NAG C . 14.29 1.24 17.28
O3 NAG C . 16.18 1.73 19.45
O4 NAG C . 18.81 1.55 18.50
O5 NAG C . 16.95 -1.21 16.82
O6 NAG C . 19.59 -2.67 18.07
O7 NAG C . 12.79 0.54 18.78
C1 NAG C . 19.57 1.75 19.74
C2 NAG C . 20.60 2.83 19.40
C3 NAG C . 21.52 3.21 20.57
C4 NAG C . 20.83 3.30 21.93
C5 NAG C . 19.74 2.23 22.10
C6 NAG C . 19.02 2.51 23.43
C7 NAG C . 20.91 2.49 16.99
C8 NAG C . 21.80 1.91 15.92
N2 NAG C . 21.35 2.36 18.25
O3 NAG C . 22.12 4.50 20.34
O4 NAG C . 21.82 3.21 22.99
O5 NAG C . 18.87 2.17 20.95
O6 NAG C . 17.61 2.33 23.29
O7 NAG C . 19.85 3.03 16.73
C1 MAN D . -45.58 28.30 -8.56
C2 MAN D . -46.62 29.40 -8.58
C3 MAN D . -47.33 29.35 -9.92
C4 MAN D . -46.29 29.48 -11.04
C5 MAN D . -45.04 28.63 -10.80
C6 MAN D . -43.92 29.06 -11.70
O2 MAN D . -45.96 30.65 -8.32
O3 MAN D . -48.37 30.34 -10.00
O4 MAN D . -46.92 28.99 -12.22
O5 MAN D . -44.55 28.69 -9.48
O6 MAN D . -44.40 28.79 -13.00
C1 MAN E . -46.73 28.17 4.83
C2 MAN E . -47.14 28.54 3.41
C3 MAN E . -47.14 30.07 3.26
C4 MAN E . -47.96 30.71 4.38
C5 MAN E . -47.47 30.25 5.75
C6 MAN E . -48.24 30.87 6.93
O2 MAN E . -48.42 27.95 3.07
O3 MAN E . -47.56 30.41 1.93
O4 MAN E . -47.83 32.13 4.32
O5 MAN E . -47.54 28.83 5.82
O6 MAN E . -47.80 30.34 8.20
N1 EPE F . 31.22 -6.81 9.08
C2 EPE F . 32.44 -7.35 9.71
C3 EPE F . 33.19 -8.26 8.75
N4 EPE F . 33.63 -7.52 7.54
C5 EPE F . 32.68 -6.50 7.07
C6 EPE F . 31.29 -6.77 7.60
C7 EPE F . 34.96 -6.90 7.74
C8 EPE F . 35.55 -6.62 6.35
O8 EPE F . 35.51 -7.81 5.57
C9 EPE F . 30.04 -7.60 9.51
C10 EPE F . 28.78 -7.09 8.78
S EPE F . 27.38 -7.17 9.69
O1S EPE F . 27.47 -8.35 10.60
O2S EPE F . 27.30 -5.91 10.43
O3S EPE F . 26.17 -7.24 8.83
C1 MAN G . -47.34 29.92 -2.25
C2 MAN G . -47.88 29.75 -3.65
C3 MAN G . -46.81 30.05 -4.69
C4 MAN G . -46.47 31.52 -4.62
C5 MAN G . -46.02 31.76 -3.17
C6 MAN G . -45.60 33.20 -2.92
O2 MAN G . -48.91 30.73 -3.73
O3 MAN G . -47.27 29.70 -5.97
O4 MAN G . -45.45 31.78 -5.60
O5 MAN G . -46.99 31.33 -2.18
O6 MAN G . -44.61 33.19 -1.86
CA CA H . 2.04 -5.10 10.60
CA CA I . 7.58 -8.56 10.61
CA CA J . -2.00 -6.47 9.60
CA CA K . -47.18 17.97 -13.10
#